data_8Z38
#
_entry.id   8Z38
#
_cell.length_a   55.157
_cell.length_b   59.382
_cell.length_c   67.246
_cell.angle_alpha   90.000
_cell.angle_beta   90.000
_cell.angle_gamma   90.000
#
_symmetry.space_group_name_H-M   'P 21 21 21'
#
loop_
_entity.id
_entity.type
_entity.pdbx_description
1 polymer 'peptidylprolyl isomerase'
2 non-polymer 6-CARBOXYPIPERIDINE
3 water water
#
_entity_poly.entity_id   1
_entity_poly.type   'polypeptide(L)'
_entity_poly.pdbx_seq_one_letter_code
;MGVTKTTTQQGTGPSPQVGQTVVIEYTGFLKDTSKPDNKGAQFDSSVGRGDFETAIGVQRVIKGWDEGVVSMKVGEKATL
DITADYGYGARGFPGAIPPNSDLIFDVYLKGIK
;
_entity_poly.pdbx_strand_id   A,B
#
# COMPACT_ATOMS: atom_id res chain seq x y z
N GLY A 2 -14.64 13.98 -1.04
CA GLY A 2 -13.84 12.77 -0.95
C GLY A 2 -12.82 12.70 -2.07
N VAL A 3 -13.32 12.73 -3.29
CA VAL A 3 -12.46 12.78 -4.46
C VAL A 3 -13.03 13.85 -5.38
N THR A 4 -12.15 14.72 -5.88
CA THR A 4 -12.52 15.79 -6.79
C THR A 4 -11.90 15.52 -8.14
N LYS A 5 -12.71 15.52 -9.18
CA LYS A 5 -12.22 15.23 -10.51
C LYS A 5 -12.10 16.51 -11.35
N THR A 6 -11.08 16.52 -12.21
CA THR A 6 -10.84 17.56 -13.19
C THR A 6 -10.63 16.87 -14.53
N THR A 7 -11.45 17.21 -15.52
CA THR A 7 -11.31 16.57 -16.83
C THR A 7 -10.42 17.44 -17.72
N THR A 8 -9.27 16.90 -18.09
CA THR A 8 -8.34 17.57 -18.99
C THR A 8 -8.47 17.05 -20.42
N GLN A 9 -9.16 15.92 -20.60
CA GLN A 9 -9.58 15.46 -21.92
C GLN A 9 -10.89 14.74 -21.75
N GLN A 10 -11.91 15.18 -22.47
CA GLN A 10 -13.21 14.53 -22.40
C GLN A 10 -13.20 13.20 -23.11
N GLY A 11 -13.75 12.17 -22.47
CA GLY A 11 -13.94 10.88 -23.09
C GLY A 11 -15.40 10.72 -23.47
N THR A 12 -15.66 9.86 -24.46
CA THR A 12 -17.02 9.68 -24.94
C THR A 12 -17.44 8.22 -25.02
N GLY A 13 -16.53 7.29 -24.75
CA GLY A 13 -16.88 5.90 -24.71
C GLY A 13 -17.67 5.58 -23.47
N PRO A 14 -17.81 4.30 -23.18
CA PRO A 14 -18.61 3.89 -22.02
C PRO A 14 -17.95 4.30 -20.71
N SER A 15 -18.79 4.39 -19.68
CA SER A 15 -18.31 4.67 -18.34
C SER A 15 -18.26 3.39 -17.52
N PRO A 16 -17.13 3.04 -16.92
CA PRO A 16 -17.04 1.79 -16.16
C PRO A 16 -18.11 1.70 -15.08
N GLN A 17 -18.57 0.49 -14.84
CA GLN A 17 -19.52 0.24 -13.77
C GLN A 17 -18.91 -0.78 -12.81
N VAL A 18 -19.53 -0.87 -11.63
CA VAL A 18 -18.97 -1.65 -10.54
C VAL A 18 -18.76 -3.09 -10.99
N GLY A 19 -17.56 -3.61 -10.76
CA GLY A 19 -17.22 -4.94 -11.15
C GLY A 19 -16.54 -5.09 -12.50
N GLN A 20 -16.54 -4.05 -13.34
CA GLN A 20 -15.86 -4.15 -14.61
C GLN A 20 -14.36 -3.91 -14.44
N THR A 21 -13.57 -4.51 -15.32
CA THR A 21 -12.13 -4.31 -15.30
C THR A 21 -11.79 -3.13 -16.20
N VAL A 22 -11.20 -2.10 -15.61
CA VAL A 22 -10.78 -0.90 -16.31
C VAL A 22 -9.31 -1.04 -16.72
N VAL A 23 -8.95 -0.38 -17.81
CA VAL A 23 -7.56 -0.24 -18.21
C VAL A 23 -7.22 1.23 -18.10
N ILE A 24 -6.23 1.54 -17.27
CA ILE A 24 -5.85 2.94 -17.05
C ILE A 24 -4.34 3.08 -17.11
N GLU A 25 -3.91 4.25 -17.57
CA GLU A 25 -2.56 4.72 -17.32
C GLU A 25 -2.66 5.78 -16.22
N TYR A 26 -1.71 5.79 -15.30
CA TYR A 26 -1.86 6.68 -14.16
C TYR A 26 -0.50 7.11 -13.64
N THR A 27 -0.50 8.26 -12.97
CA THR A 27 0.64 8.74 -12.20
C THR A 27 0.09 9.25 -10.89
N GLY A 28 0.68 8.83 -9.77
CA GLY A 28 0.23 9.25 -8.44
C GLY A 28 1.19 10.25 -7.82
N PHE A 29 0.65 11.27 -7.18
CA PHE A 29 1.44 12.29 -6.51
C PHE A 29 0.88 12.54 -5.11
N LEU A 30 1.80 12.79 -4.18
CA LEU A 30 1.38 13.40 -2.92
C LEU A 30 0.94 14.84 -3.21
N LYS A 31 -0.16 15.24 -2.57
CA LYS A 31 -0.67 16.59 -2.75
C LYS A 31 0.18 17.56 -1.96
N ASP A 32 0.65 18.61 -2.64
CA ASP A 32 1.39 19.74 -2.05
C ASP A 32 0.83 21.01 -2.67
N THR A 33 0.01 21.75 -1.91
CA THR A 33 -0.67 22.92 -2.45
C THR A 33 0.30 24.02 -2.87
N SER A 34 1.56 23.96 -2.44
CA SER A 34 2.53 24.96 -2.85
C SER A 34 3.14 24.66 -4.21
N LYS A 35 2.69 23.62 -4.89
CA LYS A 35 3.24 23.19 -6.16
C LYS A 35 2.23 23.41 -7.27
N PRO A 36 2.69 23.52 -8.53
CA PRO A 36 1.76 23.64 -9.64
C PRO A 36 0.86 22.42 -9.76
N ASP A 37 -0.45 22.68 -9.88
CA ASP A 37 -1.47 21.64 -9.92
C ASP A 37 -1.48 20.81 -8.64
N ASN A 38 -0.86 21.34 -7.58
CA ASN A 38 -0.81 20.72 -6.26
C ASN A 38 -0.11 19.36 -6.29
N LYS A 39 0.78 19.16 -7.26
CA LYS A 39 1.49 17.88 -7.42
C LYS A 39 2.83 17.93 -6.69
N GLY A 40 2.89 17.27 -5.54
CA GLY A 40 4.17 17.09 -4.88
C GLY A 40 4.88 15.86 -5.41
N ALA A 41 5.55 15.12 -4.52
CA ALA A 41 6.35 13.98 -4.94
C ALA A 41 5.51 12.92 -5.64
N GLN A 42 5.99 12.46 -6.79
CA GLN A 42 5.42 11.30 -7.47
C GLN A 42 5.79 10.03 -6.71
N PHE A 43 4.79 9.25 -6.30
CA PHE A 43 5.08 8.01 -5.61
C PHE A 43 4.88 6.77 -6.46
N ASP A 44 4.01 6.82 -7.47
CA ASP A 44 3.74 5.64 -8.28
C ASP A 44 3.27 6.08 -9.65
N SER A 45 3.34 5.14 -10.60
CA SER A 45 3.00 5.43 -11.98
C SER A 45 2.99 4.14 -12.77
N SER A 46 1.98 3.98 -13.62
CA SER A 46 1.98 2.88 -14.56
C SER A 46 2.90 3.14 -15.75
N VAL A 47 3.33 4.39 -15.95
CA VAL A 47 4.03 4.76 -17.18
C VAL A 47 5.39 4.07 -17.22
N GLY A 48 5.70 3.47 -18.35
CA GLY A 48 6.86 2.61 -18.47
C GLY A 48 6.58 1.19 -18.03
N ARG A 49 5.87 1.05 -16.90
CA ARG A 49 5.55 -0.27 -16.37
C ARG A 49 4.56 -1.01 -17.27
N GLY A 50 3.66 -0.27 -17.92
CA GLY A 50 2.58 -0.85 -18.69
C GLY A 50 1.23 -0.50 -18.11
N ASP A 51 0.20 -0.68 -18.94
CA ASP A 51 -1.15 -0.29 -18.55
C ASP A 51 -1.65 -1.14 -17.39
N PHE A 52 -2.25 -0.48 -16.41
CA PHE A 52 -2.72 -1.11 -15.19
C PHE A 52 -4.19 -1.52 -15.34
N GLU A 53 -4.50 -2.74 -14.92
CA GLU A 53 -5.83 -3.32 -15.03
C GLU A 53 -6.35 -3.69 -13.66
N THR A 54 -7.61 -3.37 -13.40
CA THR A 54 -8.24 -3.83 -12.17
C THR A 54 -9.74 -3.76 -12.31
N ALA A 55 -10.42 -4.67 -11.62
CA ALA A 55 -11.85 -4.55 -11.41
C ALA A 55 -12.12 -3.33 -10.54
N ILE A 56 -13.03 -2.49 -10.98
CA ILE A 56 -13.26 -1.20 -10.35
C ILE A 56 -14.52 -1.27 -9.49
N GLY A 57 -14.55 -0.44 -8.45
CA GLY A 57 -15.71 -0.38 -7.59
C GLY A 57 -15.82 -1.50 -6.58
N VAL A 58 -14.82 -2.37 -6.46
CA VAL A 58 -14.89 -3.49 -5.52
C VAL A 58 -13.76 -3.45 -4.51
N GLN A 59 -13.24 -2.25 -4.22
CA GLN A 59 -12.32 -2.01 -3.11
C GLN A 59 -11.01 -2.76 -3.28
N ARG A 60 -10.64 -3.11 -4.50
CA ARG A 60 -9.31 -3.60 -4.74
C ARG A 60 -8.28 -2.48 -4.85
N VAL A 61 -8.74 -1.24 -4.98
CA VAL A 61 -7.89 -0.05 -4.89
C VAL A 61 -8.56 0.91 -3.91
N ILE A 62 -7.85 1.99 -3.58
CA ILE A 62 -8.37 3.02 -2.67
C ILE A 62 -9.71 3.53 -3.19
N LYS A 63 -10.56 3.96 -2.25
CA LYS A 63 -11.89 4.44 -2.59
C LYS A 63 -11.84 5.56 -3.63
N GLY A 64 -10.85 6.45 -3.53
CA GLY A 64 -10.76 7.57 -4.45
C GLY A 64 -10.67 7.15 -5.91
N TRP A 65 -9.94 6.06 -6.19
CA TRP A 65 -9.93 5.50 -7.53
C TRP A 65 -11.26 4.87 -7.87
N ASP A 66 -11.76 4.00 -6.99
CA ASP A 66 -13.06 3.38 -7.22
C ASP A 66 -14.08 4.42 -7.60
N GLU A 67 -14.21 5.46 -6.79
CA GLU A 67 -15.22 6.48 -7.05
C GLU A 67 -14.84 7.34 -8.25
N GLY A 68 -13.58 7.75 -8.34
CA GLY A 68 -13.16 8.58 -9.46
C GLY A 68 -13.26 7.87 -10.80
N VAL A 69 -12.85 6.60 -10.85
CA VAL A 69 -12.76 6.00 -12.18
C VAL A 69 -14.14 5.57 -12.70
N VAL A 70 -15.08 5.20 -11.82
CA VAL A 70 -16.41 4.88 -12.33
C VAL A 70 -17.15 6.13 -12.83
N SER A 71 -16.67 7.33 -12.48
CA SER A 71 -17.26 8.55 -12.97
C SER A 71 -16.67 9.00 -14.30
N MET A 72 -15.66 8.31 -14.81
CA MET A 72 -14.99 8.66 -16.04
C MET A 72 -15.63 7.93 -17.22
N LYS A 73 -15.26 8.35 -18.43
CA LYS A 73 -15.67 7.68 -19.65
C LYS A 73 -14.41 7.24 -20.38
N VAL A 74 -14.48 6.11 -21.09
CA VAL A 74 -13.31 5.66 -21.83
C VAL A 74 -12.85 6.76 -22.78
N GLY A 75 -11.54 7.03 -22.78
CA GLY A 75 -10.98 8.14 -23.49
C GLY A 75 -10.70 9.36 -22.63
N GLU A 76 -11.32 9.43 -21.45
CA GLU A 76 -11.16 10.58 -20.58
C GLU A 76 -9.76 10.59 -19.94
N LYS A 77 -9.13 11.77 -19.93
CA LYS A 77 -7.99 12.02 -19.06
C LYS A 77 -8.44 12.93 -17.94
N ALA A 78 -8.15 12.55 -16.70
CA ALA A 78 -8.63 13.31 -15.56
C ALA A 78 -7.56 13.34 -14.48
N THR A 79 -7.69 14.34 -13.62
CA THR A 79 -6.92 14.46 -12.40
C THR A 79 -7.86 14.22 -11.22
N LEU A 80 -7.54 13.23 -10.40
CA LEU A 80 -8.29 12.94 -9.19
C LEU A 80 -7.54 13.54 -8.00
N ASP A 81 -8.19 14.46 -7.29
CA ASP A 81 -7.71 15.00 -6.03
C ASP A 81 -8.41 14.20 -4.93
N ILE A 82 -7.65 13.38 -4.22
CA ILE A 82 -8.20 12.37 -3.31
C ILE A 82 -7.77 12.72 -1.90
N THR A 83 -8.75 13.00 -1.04
CA THR A 83 -8.46 13.26 0.37
C THR A 83 -7.89 12.01 1.02
N ALA A 84 -7.09 12.24 2.07
CA ALA A 84 -6.41 11.13 2.73
C ALA A 84 -7.37 10.00 3.13
N ASP A 85 -8.54 10.35 3.65
CA ASP A 85 -9.48 9.31 4.08
C ASP A 85 -10.08 8.53 2.91
N TYR A 86 -10.02 9.07 1.70
CA TYR A 86 -10.36 8.32 0.50
C TYR A 86 -9.14 7.70 -0.16
N GLY A 87 -7.95 7.93 0.41
CA GLY A 87 -6.73 7.27 -0.03
C GLY A 87 -6.29 6.21 0.95
N TYR A 88 -5.08 6.34 1.48
CA TYR A 88 -4.55 5.38 2.43
C TYR A 88 -4.72 5.85 3.86
N GLY A 89 -5.49 6.90 4.09
CA GLY A 89 -5.96 7.29 5.40
C GLY A 89 -4.83 7.49 6.40
N ALA A 90 -5.15 7.22 7.66
CA ALA A 90 -4.18 7.46 8.73
C ALA A 90 -3.04 6.45 8.72
N ARG A 91 -3.25 5.26 8.16
CA ARG A 91 -2.18 4.26 8.15
C ARG A 91 -1.12 4.57 7.10
N GLY A 92 -1.49 5.26 6.03
CA GLY A 92 -0.58 5.43 4.91
C GLY A 92 -0.26 4.08 4.30
N PHE A 93 0.83 4.02 3.54
CA PHE A 93 1.36 2.75 3.07
C PHE A 93 2.86 2.75 3.33
N PRO A 94 3.37 1.85 4.17
CA PRO A 94 4.79 1.90 4.55
C PRO A 94 5.71 1.87 3.33
N GLY A 95 6.71 2.75 3.36
CA GLY A 95 7.67 2.86 2.28
C GLY A 95 7.25 3.71 1.11
N ALA A 96 5.97 4.07 1.02
CA ALA A 96 5.46 4.73 -0.18
C ALA A 96 4.72 6.02 0.12
N ILE A 97 3.77 5.98 1.04
CA ILE A 97 2.85 7.09 1.26
C ILE A 97 2.76 7.41 2.74
N PRO A 98 3.07 8.64 3.15
CA PRO A 98 3.04 9.02 4.56
C PRO A 98 1.61 8.98 5.10
N PRO A 99 1.44 8.83 6.42
CA PRO A 99 0.10 8.92 7.00
C PRO A 99 -0.60 10.23 6.64
N ASN A 100 -1.89 10.13 6.35
CA ASN A 100 -2.76 11.29 6.15
C ASN A 100 -2.33 12.14 4.94
N SER A 101 -1.96 11.48 3.85
CA SER A 101 -1.51 12.17 2.65
C SER A 101 -2.66 12.30 1.67
N ASP A 102 -3.10 13.54 1.44
CA ASP A 102 -3.94 13.77 0.28
C ASP A 102 -3.16 13.38 -0.97
N LEU A 103 -3.89 12.93 -1.99
CA LEU A 103 -3.25 12.36 -3.17
C LEU A 103 -3.81 13.04 -4.41
N ILE A 104 -2.94 13.14 -5.42
CA ILE A 104 -3.30 13.66 -6.73
C ILE A 104 -2.90 12.60 -7.74
N PHE A 105 -3.85 12.19 -8.57
CA PHE A 105 -3.64 11.18 -9.60
C PHE A 105 -4.00 11.75 -10.95
N ASP A 106 -3.10 11.62 -11.92
CA ASP A 106 -3.46 11.76 -13.33
C ASP A 106 -3.91 10.39 -13.81
N VAL A 107 -5.13 10.29 -14.32
CA VAL A 107 -5.68 9.01 -14.76
C VAL A 107 -6.12 9.13 -16.20
N TYR A 108 -5.80 8.11 -16.99
CA TYR A 108 -6.16 8.04 -18.40
C TYR A 108 -6.89 6.73 -18.60
N LEU A 109 -8.21 6.81 -18.78
CA LEU A 109 -9.05 5.61 -18.92
C LEU A 109 -9.04 5.17 -20.37
N LYS A 110 -8.35 4.07 -20.65
CA LYS A 110 -8.10 3.64 -22.02
C LYS A 110 -9.03 2.53 -22.48
N GLY A 111 -9.79 1.93 -21.57
CA GLY A 111 -10.66 0.87 -22.01
C GLY A 111 -11.33 0.20 -20.84
N ILE A 112 -12.31 -0.62 -21.19
CA ILE A 112 -12.97 -1.53 -20.27
C ILE A 112 -12.90 -2.92 -20.90
N LYS A 113 -12.54 -3.92 -20.09
CA LYS A 113 -12.46 -5.29 -20.56
C LYS A 113 -13.84 -5.87 -20.86
N MET B 1 -2.39 -18.86 13.25
CA MET B 1 -3.13 -18.95 11.99
C MET B 1 -2.54 -18.05 10.94
N GLY B 2 -2.91 -16.76 11.00
CA GLY B 2 -2.59 -15.85 9.92
C GLY B 2 -1.13 -15.47 9.84
N VAL B 3 -0.40 -15.56 10.95
CA VAL B 3 0.99 -15.14 10.98
C VAL B 3 1.83 -16.16 11.73
N THR B 4 2.90 -16.64 11.11
CA THR B 4 3.85 -17.52 11.77
C THR B 4 5.22 -16.86 11.76
N LYS B 5 5.86 -16.84 12.93
CA LYS B 5 7.13 -16.17 13.15
C LYS B 5 8.24 -17.19 13.29
N THR B 6 9.30 -17.02 12.51
CA THR B 6 10.54 -17.77 12.64
C THR B 6 11.61 -16.80 13.14
N THR B 7 12.10 -17.02 14.36
CA THR B 7 13.13 -16.15 14.90
C THR B 7 14.49 -16.54 14.36
N THR B 8 15.17 -15.57 13.75
CA THR B 8 16.45 -15.76 13.09
C THR B 8 17.60 -15.14 13.86
N GLN B 9 17.31 -14.27 14.83
CA GLN B 9 18.30 -13.79 15.78
C GLN B 9 17.55 -13.50 17.06
N GLN B 10 17.94 -14.13 18.16
CA GLN B 10 17.24 -13.90 19.42
C GLN B 10 17.58 -12.51 19.93
N GLY B 11 16.58 -11.81 20.42
CA GLY B 11 16.77 -10.53 21.04
C GLY B 11 16.69 -10.67 22.53
N THR B 12 17.27 -9.73 23.25
CA THR B 12 17.27 -9.81 24.71
C THR B 12 16.82 -8.53 25.37
N GLY B 13 16.44 -7.52 24.59
CA GLY B 13 15.88 -6.32 25.15
C GLY B 13 14.42 -6.54 25.47
N PRO B 14 13.74 -5.45 25.84
CA PRO B 14 12.32 -5.56 26.21
C PRO B 14 11.45 -6.00 25.03
N SER B 15 10.21 -6.34 25.36
CA SER B 15 9.21 -6.79 24.41
C SER B 15 8.06 -5.77 24.37
N PRO B 16 7.58 -5.40 23.18
CA PRO B 16 6.52 -4.39 23.14
C PRO B 16 5.22 -4.94 23.69
N GLN B 17 4.40 -4.03 24.20
CA GLN B 17 3.02 -4.34 24.54
C GLN B 17 2.13 -3.39 23.75
N VAL B 18 0.86 -3.78 23.58
CA VAL B 18 -0.09 -3.05 22.73
C VAL B 18 -0.04 -1.56 23.04
N GLY B 19 0.10 -0.75 21.98
CA GLY B 19 0.03 0.68 22.09
C GLY B 19 1.37 1.38 22.20
N GLN B 20 2.44 0.64 22.49
CA GLN B 20 3.78 1.21 22.55
C GLN B 20 4.32 1.48 21.15
N THR B 21 5.13 2.52 21.03
CA THR B 21 5.76 2.82 19.75
C THR B 21 6.96 1.91 19.56
N VAL B 22 7.02 1.24 18.43
CA VAL B 22 8.13 0.34 18.16
C VAL B 22 8.92 0.92 17.01
N VAL B 23 10.18 0.51 16.91
CA VAL B 23 11.10 0.96 15.89
C VAL B 23 11.60 -0.29 15.20
N ILE B 24 11.25 -0.49 13.94
CA ILE B 24 11.59 -1.72 13.26
C ILE B 24 12.27 -1.42 11.92
N GLU B 25 13.17 -2.33 11.54
CA GLU B 25 13.72 -2.40 10.19
C GLU B 25 13.13 -3.63 9.50
N TYR B 26 12.69 -3.48 8.26
CA TYR B 26 11.97 -4.57 7.62
C TYR B 26 12.29 -4.63 6.14
N THR B 27 12.02 -5.80 5.56
CA THR B 27 11.98 -5.99 4.12
C THR B 27 10.75 -6.83 3.82
N GLY B 28 9.91 -6.35 2.91
CA GLY B 28 8.66 -7.02 2.59
C GLY B 28 8.74 -7.70 1.23
N PHE B 29 8.22 -8.93 1.18
CA PHE B 29 8.16 -9.71 -0.05
C PHE B 29 6.75 -10.25 -0.25
N LEU B 30 6.36 -10.37 -1.52
CA LEU B 30 5.21 -11.19 -1.84
C LEU B 30 5.60 -12.65 -1.64
N LYS B 31 4.75 -13.41 -0.96
CA LYS B 31 5.06 -14.81 -0.72
C LYS B 31 5.04 -15.58 -2.04
N ASP B 32 6.04 -16.43 -2.24
CA ASP B 32 6.12 -17.29 -3.41
C ASP B 32 6.68 -18.63 -2.94
N THR B 33 5.84 -19.66 -2.92
CA THR B 33 6.22 -20.94 -2.33
C THR B 33 7.21 -21.72 -3.20
N SER B 34 7.37 -21.33 -4.47
CA SER B 34 8.36 -21.90 -5.36
C SER B 34 9.66 -21.09 -5.38
N LYS B 35 10.00 -20.43 -4.27
CA LYS B 35 11.21 -19.65 -4.10
C LYS B 35 11.79 -19.95 -2.74
N PRO B 36 13.12 -19.84 -2.58
CA PRO B 36 13.74 -20.11 -1.27
C PRO B 36 13.20 -19.20 -0.18
N ASP B 37 12.94 -19.79 0.98
CA ASP B 37 12.38 -19.09 2.14
C ASP B 37 11.02 -18.47 1.84
N ASN B 38 10.40 -18.87 0.73
CA ASN B 38 9.07 -18.44 0.30
C ASN B 38 9.03 -16.98 -0.13
N LYS B 39 10.16 -16.38 -0.48
CA LYS B 39 10.25 -14.95 -0.73
C LYS B 39 10.17 -14.66 -2.22
N GLY B 40 9.01 -14.18 -2.66
CA GLY B 40 8.90 -13.68 -4.02
C GLY B 40 9.41 -12.26 -4.15
N ALA B 41 8.70 -11.44 -4.93
CA ALA B 41 9.18 -10.12 -5.26
C ALA B 41 9.24 -9.24 -4.03
N GLN B 42 10.35 -8.54 -3.86
CA GLN B 42 10.47 -7.58 -2.78
C GLN B 42 9.76 -6.30 -3.19
N PHE B 43 8.82 -5.85 -2.37
CA PHE B 43 8.13 -4.60 -2.67
C PHE B 43 8.55 -3.44 -1.79
N ASP B 44 9.22 -3.68 -0.66
CA ASP B 44 9.63 -2.56 0.18
C ASP B 44 10.69 -3.02 1.17
N SER B 45 11.47 -2.06 1.65
CA SER B 45 12.50 -2.33 2.64
C SER B 45 12.93 -1.01 3.26
N SER B 46 13.19 -1.03 4.57
CA SER B 46 13.75 0.11 5.27
C SER B 46 15.25 -0.02 5.47
N VAL B 47 15.86 -1.06 4.91
CA VAL B 47 17.29 -1.31 5.08
C VAL B 47 18.07 -0.19 4.41
N GLY B 48 18.94 0.47 5.17
CA GLY B 48 19.73 1.57 4.68
C GLY B 48 19.09 2.94 4.80
N ARG B 49 17.84 3.01 5.28
CA ARG B 49 17.20 4.29 5.51
C ARG B 49 16.71 4.32 6.95
N GLY B 50 15.80 5.24 7.26
CA GLY B 50 15.27 5.30 8.60
C GLY B 50 14.48 4.05 8.95
N ASP B 51 14.48 3.72 10.24
CA ASP B 51 13.56 2.69 10.70
C ASP B 51 12.13 3.17 10.58
N PHE B 52 11.21 2.21 10.53
CA PHE B 52 9.80 2.48 10.58
C PHE B 52 9.37 2.52 12.05
N GLU B 53 8.79 3.63 12.48
CA GLU B 53 8.33 3.78 13.85
C GLU B 53 6.82 3.81 13.86
N THR B 54 6.20 3.03 14.73
CA THR B 54 4.75 2.98 14.74
C THR B 54 4.28 2.47 16.09
N ALA B 55 3.11 2.93 16.51
CA ALA B 55 2.42 2.28 17.62
C ALA B 55 2.07 0.86 17.19
N ILE B 56 2.33 -0.10 18.06
CA ILE B 56 2.11 -1.50 17.71
C ILE B 56 0.81 -1.96 18.38
N GLY B 57 0.10 -2.84 17.69
CA GLY B 57 -1.07 -3.45 18.27
C GLY B 57 -2.33 -2.64 18.19
N VAL B 58 -2.33 -1.49 17.50
CA VAL B 58 -3.52 -0.65 17.41
C VAL B 58 -3.92 -0.48 15.96
N GLN B 59 -3.67 -1.50 15.13
CA GLN B 59 -4.12 -1.56 13.75
C GLN B 59 -3.57 -0.43 12.89
N ARG B 60 -2.48 0.23 13.30
CA ARG B 60 -1.84 1.21 12.43
C ARG B 60 -1.01 0.53 11.34
N VAL B 61 -0.67 -0.74 11.53
CA VAL B 61 -0.02 -1.54 10.51
C VAL B 61 -0.82 -2.82 10.38
N ILE B 62 -0.47 -3.63 9.39
CA ILE B 62 -1.17 -4.89 9.18
C ILE B 62 -1.13 -5.76 10.43
N LYS B 63 -2.18 -6.56 10.60
CA LYS B 63 -2.33 -7.38 11.80
C LYS B 63 -1.17 -8.35 11.98
N GLY B 64 -0.63 -8.88 10.88
CA GLY B 64 0.58 -9.70 10.97
C GLY B 64 1.71 -9.00 11.72
N TRP B 65 1.88 -7.69 11.51
CA TRP B 65 2.90 -6.95 12.27
C TRP B 65 2.45 -6.71 13.70
N ASP B 66 1.18 -6.38 13.90
CA ASP B 66 0.68 -6.15 15.25
C ASP B 66 0.91 -7.38 16.12
N GLU B 67 0.55 -8.57 15.61
CA GLU B 67 0.78 -9.78 16.40
C GLU B 67 2.26 -10.13 16.42
N GLY B 68 2.91 -10.13 15.26
CA GLY B 68 4.29 -10.60 15.20
C GLY B 68 5.23 -9.74 16.02
N VAL B 69 5.15 -8.42 15.85
CA VAL B 69 6.14 -7.57 16.50
C VAL B 69 5.97 -7.59 18.01
N VAL B 70 4.74 -7.62 18.52
CA VAL B 70 4.59 -7.59 19.98
C VAL B 70 5.10 -8.87 20.63
N SER B 71 5.30 -9.94 19.86
CA SER B 71 5.89 -11.16 20.40
C SER B 71 7.40 -11.15 20.32
N MET B 72 8.00 -10.05 19.87
CA MET B 72 9.44 -9.98 19.67
C MET B 72 10.11 -9.25 20.84
N LYS B 73 11.41 -9.40 20.91
CA LYS B 73 12.22 -8.62 21.84
C LYS B 73 13.13 -7.71 21.04
N VAL B 74 13.48 -6.57 21.63
CA VAL B 74 14.40 -5.67 20.96
C VAL B 74 15.68 -6.44 20.68
N GLY B 75 16.17 -6.34 19.45
CA GLY B 75 17.32 -7.08 19.03
C GLY B 75 16.99 -8.31 18.22
N GLU B 76 15.73 -8.73 18.25
CA GLU B 76 15.30 -9.94 17.57
C GLU B 76 15.09 -9.66 16.09
N LYS B 77 15.63 -10.53 15.27
CA LYS B 77 15.27 -10.62 13.87
C LYS B 77 14.34 -11.81 13.68
N ALA B 78 13.35 -11.65 12.83
CA ALA B 78 12.40 -12.72 12.61
C ALA B 78 11.83 -12.61 11.21
N THR B 79 11.50 -13.75 10.63
CA THR B 79 10.76 -13.79 9.38
C THR B 79 9.30 -14.03 9.70
N LEU B 80 8.45 -13.11 9.27
CA LEU B 80 7.01 -13.19 9.48
C LEU B 80 6.35 -13.66 8.19
N ASP B 81 5.72 -14.82 8.24
CA ASP B 81 4.92 -15.36 7.14
C ASP B 81 3.49 -14.95 7.42
N ILE B 82 2.93 -14.08 6.57
CA ILE B 82 1.67 -13.41 6.84
C ILE B 82 0.67 -13.75 5.74
N THR B 83 -0.50 -14.27 6.13
CA THR B 83 -1.53 -14.54 5.15
C THR B 83 -2.21 -13.22 4.74
N ALA B 84 -2.90 -13.27 3.60
CA ALA B 84 -3.66 -12.11 3.15
C ALA B 84 -4.56 -11.58 4.27
N ASP B 85 -5.18 -12.49 5.02
CA ASP B 85 -6.09 -12.10 6.09
C ASP B 85 -5.41 -11.24 7.15
N TYR B 86 -4.10 -11.43 7.34
CA TYR B 86 -3.33 -10.65 8.30
C TYR B 86 -2.46 -9.62 7.61
N GLY B 87 -2.49 -9.57 6.28
CA GLY B 87 -1.81 -8.51 5.57
C GLY B 87 -2.79 -7.45 5.15
N TYR B 88 -2.70 -7.05 3.90
CA TYR B 88 -3.57 -6.01 3.37
C TYR B 88 -4.91 -6.55 2.89
N GLY B 89 -5.19 -7.83 3.10
CA GLY B 89 -6.49 -8.37 2.80
C GLY B 89 -6.83 -8.29 1.33
N ALA B 90 -8.07 -7.89 1.06
CA ALA B 90 -8.60 -7.82 -0.29
C ALA B 90 -8.22 -6.53 -1.03
N ARG B 91 -7.46 -5.62 -0.42
CA ARG B 91 -7.01 -4.46 -1.16
C ARG B 91 -5.55 -4.64 -1.54
N GLY B 92 -5.16 -4.00 -2.63
CA GLY B 92 -3.78 -4.03 -3.06
C GLY B 92 -3.24 -2.63 -3.32
N PHE B 93 -1.92 -2.52 -3.27
CA PHE B 93 -1.24 -1.32 -3.71
C PHE B 93 -0.75 -1.57 -5.14
N PRO B 94 -1.30 -0.89 -6.14
CA PRO B 94 -1.01 -1.22 -7.54
C PRO B 94 0.48 -1.21 -7.85
N GLY B 95 0.91 -2.20 -8.64
CA GLY B 95 2.31 -2.38 -9.00
C GLY B 95 3.18 -3.00 -7.92
N ALA B 96 2.73 -3.02 -6.67
CA ALA B 96 3.51 -3.57 -5.56
C ALA B 96 2.88 -4.81 -4.94
N ILE B 97 1.62 -4.73 -4.52
CA ILE B 97 0.98 -5.82 -3.78
C ILE B 97 -0.41 -6.11 -4.36
N PRO B 98 -0.58 -7.18 -5.13
CA PRO B 98 -1.92 -7.54 -5.62
C PRO B 98 -2.89 -7.79 -4.48
N PRO B 99 -4.19 -7.66 -4.72
CA PRO B 99 -5.17 -8.04 -3.69
C PRO B 99 -4.99 -9.48 -3.27
N ASN B 100 -5.28 -9.74 -1.98
CA ASN B 100 -5.23 -11.07 -1.39
C ASN B 100 -3.84 -11.71 -1.53
N SER B 101 -2.80 -10.91 -1.29
CA SER B 101 -1.42 -11.40 -1.37
C SER B 101 -0.96 -11.88 0.00
N ASP B 102 -0.52 -13.13 0.09
CA ASP B 102 0.27 -13.52 1.25
C ASP B 102 1.60 -12.78 1.20
N LEU B 103 2.16 -12.50 2.38
CA LEU B 103 3.38 -11.70 2.49
C LEU B 103 4.40 -12.37 3.39
N ILE B 104 5.68 -12.16 3.07
CA ILE B 104 6.81 -12.52 3.91
C ILE B 104 7.53 -11.25 4.31
N PHE B 105 7.72 -11.05 5.61
CA PHE B 105 8.52 -9.92 6.10
C PHE B 105 9.73 -10.41 6.89
N ASP B 106 10.89 -9.84 6.59
CA ASP B 106 12.04 -9.88 7.49
C ASP B 106 11.96 -8.66 8.37
N VAL B 107 11.84 -8.87 9.67
CA VAL B 107 11.63 -7.78 10.60
C VAL B 107 12.73 -7.83 11.66
N TYR B 108 13.13 -6.65 12.09
CA TYR B 108 14.23 -6.53 13.04
C TYR B 108 13.78 -5.46 14.04
N LEU B 109 13.50 -5.86 15.27
CA LEU B 109 12.99 -4.93 16.28
C LEU B 109 14.18 -4.27 16.99
N LYS B 110 14.34 -2.97 16.77
CA LYS B 110 15.52 -2.27 17.23
C LYS B 110 15.24 -1.28 18.35
N GLY B 111 13.99 -1.14 18.78
CA GLY B 111 13.72 -0.27 19.90
C GLY B 111 12.24 -0.24 20.23
N ILE B 112 11.98 0.19 21.46
CA ILE B 112 10.66 0.62 21.91
C ILE B 112 10.81 2.00 22.53
N LYS B 113 9.97 2.95 22.11
CA LYS B 113 9.97 4.28 22.72
C LYS B 113 9.28 4.24 24.08
N CPI C . -2.95 -4.11 -7.18
CE CPI C . -4.04 -3.16 -6.87
CD CPI C . -5.40 -3.74 -7.14
CG CPI C . -5.56 -4.28 -8.54
CB CPI C . -4.43 -5.26 -8.85
CA CPI C . -3.09 -4.59 -8.56
C CPI C . -1.89 -5.41 -9.03
O CPI C . -2.17 -6.45 -9.69
OXT CPI C . -0.73 -4.97 -8.75
#